data_9HIH
#
_entry.id   9HIH
#
_cell.length_a   42.866
_cell.length_b   77.004
_cell.length_c   169.659
_cell.angle_alpha   90
_cell.angle_beta   90
_cell.angle_gamma   90
#
_symmetry.space_group_name_H-M   'P 21 21 21'
#
loop_
_entity.id
_entity.type
_entity.pdbx_description
1 polymer 'S4B6 VH_C1H'
2 polymer mIL-2_LN35_S4B6_LC
3 water water
#
loop_
_entity_poly.entity_id
_entity_poly.type
_entity_poly.pdbx_seq_one_letter_code
_entity_poly.pdbx_strand_id
1 'polypeptide(L)'
;ITGEVQLQESGAELVRPGTSVKLSCKVSGDTITAYYLHFVRQRPGQGLEWIGRIDPEDDSTKYAENFKNKATFTADASSN
TAYLRLSSLTSEDTATYFCTTVTFYYSRELRWFAYWGQGTLVTVSSAETTAPSVYPLAPGTALKSNSMVTLGCLVKGYFP
EPVTVTWNSGALSSGVHTFPAVLQSGLYTLTSSVTVPSSTWSSQAVTCNVAHPASSTKVDKKIVPRECGTHHHHHHHHG
;
H
2 'polypeptide(L)'
;ITGAPTSSSTSSSTAEAQQQQQQQQQQQQHLEQLLMDLQELLSRMENYRNLKLPRMLTFKFYLPKQATELKDLQCLEDEL
GPLRHVLDLTQSKSFQLEDAENFISNIRVTVVKLKGSDNTFECQFDDESATVVDFLRRWIAFCQSIISTSPQGGGGSGGG
GSGGGGSGGGGSGGGGSGGGGSGGGGSDIQVTQSPASLSASLEEIVTITCQASQDIGNYLSWYQQKLGKSPQLLIHSATS
LADGVPSRFSGSRSGTQYSLKINRLQVEDTGIYYCLQHYSTPYTFGAGTKLELKRADAAPTVSIFPPSTEQLATGGASVV
CLMNNFYPRDISVKWKIDGTERRDGVLDSVTDQDSKDSTYSMSSTLSLTKADYESHNLYTCEVVHKTSSSPVVKSFNRNE
C
;
L
#
# COMPACT_ATOMS: atom_id res chain seq x y z
N GLU A 4 12.36 -10.72 10.72
CA GLU A 4 13.40 -10.03 11.52
C GLU A 4 13.69 -8.67 10.90
N VAL A 5 13.61 -8.58 9.57
CA VAL A 5 14.08 -7.38 8.89
C VAL A 5 13.02 -6.29 8.82
N GLN A 6 13.47 -5.04 9.04
CA GLN A 6 12.67 -3.83 8.84
C GLN A 6 13.44 -2.78 8.03
N LEU A 7 12.68 -1.98 7.25
CA LEU A 7 13.19 -0.92 6.41
C LEU A 7 12.50 0.38 6.80
N GLN A 8 13.27 1.46 6.85
CA GLN A 8 12.70 2.67 7.39
C GLN A 8 12.88 3.80 6.38
N GLU A 9 11.78 4.37 5.90
CA GLU A 9 11.91 5.51 5.00
C GLU A 9 11.79 6.81 5.78
N SER A 10 12.60 7.79 5.38
CA SER A 10 12.76 9.03 6.12
C SER A 10 13.20 10.10 5.13
N GLY A 11 12.71 11.31 5.37
CA GLY A 11 13.00 12.44 4.49
C GLY A 11 12.09 13.62 4.79
N ALA A 12 12.54 14.82 4.40
CA ALA A 12 11.79 16.05 4.44
C ALA A 12 10.34 15.78 4.05
N GLU A 13 9.39 16.28 4.85
CA GLU A 13 7.99 16.08 4.57
CA GLU A 13 7.99 16.07 4.55
C GLU A 13 7.48 17.12 3.57
N LEU A 14 8.09 18.32 3.58
CA LEU A 14 7.77 19.45 2.72
C LEU A 14 9.01 19.95 1.98
N VAL A 15 8.90 20.13 0.66
CA VAL A 15 9.97 20.59 -0.22
C VAL A 15 9.36 21.56 -1.23
N ARG A 16 10.15 22.54 -1.69
CA ARG A 16 9.63 23.62 -2.51
C ARG A 16 9.87 23.28 -3.98
N PRO A 17 8.92 23.59 -4.89
CA PRO A 17 9.08 23.21 -6.29
C PRO A 17 10.43 23.66 -6.83
N GLY A 18 11.08 22.79 -7.61
CA GLY A 18 12.34 23.14 -8.22
C GLY A 18 13.54 22.71 -7.38
N THR A 19 13.36 22.55 -6.06
CA THR A 19 14.43 22.02 -5.23
C THR A 19 14.58 20.52 -5.46
N SER A 20 15.49 19.90 -4.70
CA SER A 20 15.58 18.45 -4.68
C SER A 20 15.20 17.95 -3.29
N VAL A 21 14.99 16.64 -3.17
CA VAL A 21 14.75 16.01 -1.88
C VAL A 21 15.62 14.75 -1.81
N LYS A 22 16.01 14.42 -0.58
CA LYS A 22 16.82 13.22 -0.37
C LYS A 22 16.13 12.30 0.64
N LEU A 23 15.70 11.14 0.14
CA LEU A 23 15.08 10.11 0.97
C LEU A 23 16.13 9.11 1.42
N SER A 24 15.84 8.46 2.56
CA SER A 24 16.70 7.43 3.10
C SER A 24 15.92 6.15 3.40
N CYS A 25 16.63 5.04 3.32
CA CYS A 25 16.07 3.76 3.65
C CYS A 25 17.02 3.07 4.61
N LYS A 26 16.66 3.01 5.91
CA LYS A 26 17.50 2.35 6.89
C LYS A 26 17.01 0.92 7.10
N VAL A 27 17.90 -0.02 6.81
CA VAL A 27 17.65 -1.45 7.00
C VAL A 27 18.25 -1.95 8.32
N SER A 28 17.40 -2.66 9.05
CA SER A 28 17.78 -3.33 10.27
C SER A 28 17.23 -4.75 10.24
N GLY A 29 17.89 -5.65 10.98
CA GLY A 29 17.48 -7.03 11.01
C GLY A 29 18.38 -7.86 10.11
N ASP A 30 19.21 -7.17 9.30
CA ASP A 30 20.16 -7.82 8.40
C ASP A 30 21.04 -6.77 7.71
N THR A 31 22.16 -7.23 7.12
CA THR A 31 23.05 -6.36 6.35
C THR A 31 22.33 -5.90 5.08
N ILE A 32 22.83 -4.79 4.52
CA ILE A 32 22.24 -4.21 3.34
C ILE A 32 22.90 -4.82 2.11
N THR A 33 24.03 -5.51 2.29
CA THR A 33 24.78 -6.05 1.18
C THR A 33 24.08 -7.28 0.60
N ALA A 34 23.07 -7.78 1.32
CA ALA A 34 22.28 -8.94 0.93
C ALA A 34 21.06 -8.59 0.06
N TYR A 35 20.83 -7.29 -0.19
CA TYR A 35 19.58 -6.86 -0.80
C TYR A 35 19.85 -5.92 -1.96
N TYR A 36 19.04 -6.04 -3.02
CA TYR A 36 18.87 -4.93 -3.93
C TYR A 36 17.78 -4.04 -3.33
N LEU A 37 18.04 -2.74 -3.29
CA LEU A 37 17.09 -1.83 -2.67
C LEU A 37 16.36 -1.00 -3.71
N HIS A 38 15.03 -1.15 -3.72
CA HIS A 38 14.17 -0.65 -4.78
C HIS A 38 13.23 0.43 -4.20
N PHE A 39 12.93 1.43 -5.00
CA PHE A 39 12.12 2.50 -4.48
C PHE A 39 10.85 2.55 -5.30
N VAL A 40 9.73 2.77 -4.60
CA VAL A 40 8.45 2.79 -5.29
C VAL A 40 7.68 3.99 -4.78
N ARG A 41 6.92 4.65 -5.65
CA ARG A 41 6.18 5.79 -5.17
C ARG A 41 4.71 5.59 -5.53
N GLN A 42 3.87 6.28 -4.79
CA GLN A 42 2.45 6.20 -5.00
C GLN A 42 1.84 7.57 -4.77
N ARG A 43 1.41 8.21 -5.85
CA ARG A 43 0.76 9.50 -5.72
C ARG A 43 -0.57 9.25 -5.03
N PRO A 44 -1.20 10.27 -4.41
CA PRO A 44 -2.45 10.03 -3.67
C PRO A 44 -3.58 9.54 -4.59
N GLY A 45 -4.21 8.47 -4.11
CA GLY A 45 -5.31 7.78 -4.81
C GLY A 45 -4.88 7.27 -6.18
N GLN A 46 -3.58 7.01 -6.34
CA GLN A 46 -3.06 6.35 -7.53
C GLN A 46 -2.44 5.03 -7.10
N GLY A 47 -1.92 4.25 -8.06
CA GLY A 47 -1.22 3.02 -7.75
C GLY A 47 0.31 3.20 -7.64
N LEU A 48 0.97 2.11 -7.22
CA LEU A 48 2.42 2.00 -7.08
C LEU A 48 3.11 2.14 -8.43
N GLU A 49 4.19 2.95 -8.44
CA GLU A 49 5.09 3.17 -9.57
C GLU A 49 6.51 2.83 -9.12
N TRP A 50 7.16 1.91 -9.84
CA TRP A 50 8.55 1.56 -9.59
C TRP A 50 9.46 2.70 -10.04
N ILE A 51 10.31 3.15 -9.11
CA ILE A 51 11.21 4.26 -9.40
C ILE A 51 12.51 3.68 -9.95
N GLY A 52 13.10 2.70 -9.26
CA GLY A 52 14.43 2.24 -9.64
C GLY A 52 15.09 1.48 -8.49
N ARG A 53 16.30 0.95 -8.70
CA ARG A 53 16.91 0.19 -7.62
C ARG A 53 18.42 0.43 -7.62
N ILE A 54 19.06 0.08 -6.50
CA ILE A 54 20.51 0.11 -6.43
C ILE A 54 21.00 -1.14 -5.73
N ASP A 55 22.13 -1.67 -6.25
CA ASP A 55 22.80 -2.84 -5.69
CA ASP A 55 22.80 -2.84 -5.69
C ASP A 55 23.94 -2.39 -4.78
N PRO A 56 23.75 -2.38 -3.44
CA PRO A 56 24.79 -1.97 -2.50
C PRO A 56 26.14 -2.62 -2.74
N GLU A 57 26.10 -3.88 -3.16
CA GLU A 57 27.25 -4.65 -3.61
C GLU A 57 28.21 -3.83 -4.48
N ASP A 58 27.69 -3.08 -5.46
CA ASP A 58 28.54 -2.41 -6.43
C ASP A 58 28.05 -1.01 -6.80
N ASP A 59 26.93 -0.59 -6.20
CA ASP A 59 26.35 0.72 -6.47
C ASP A 59 25.67 0.76 -7.84
N SER A 60 25.68 -0.39 -8.54
CA SER A 60 24.98 -0.59 -9.79
C SER A 60 23.52 -0.21 -9.62
N THR A 61 23.04 0.69 -10.51
CA THR A 61 21.70 1.23 -10.38
C THR A 61 20.90 0.97 -11.64
N LYS A 62 19.59 0.89 -11.47
CA LYS A 62 18.66 0.89 -12.59
C LYS A 62 17.54 1.89 -12.33
N TYR A 63 16.99 2.45 -13.41
CA TYR A 63 16.03 3.52 -13.29
C TYR A 63 14.86 3.19 -14.20
N ALA A 64 13.69 3.69 -13.82
CA ALA A 64 12.56 3.68 -14.73
C ALA A 64 12.78 4.78 -15.75
N GLU A 65 12.16 4.55 -16.91
CA GLU A 65 12.01 5.54 -17.96
C GLU A 65 11.72 6.93 -17.38
N ASN A 66 10.64 7.07 -16.62
CA ASN A 66 10.12 8.37 -16.27
C ASN A 66 10.96 9.08 -15.22
N PHE A 67 11.97 8.42 -14.66
CA PHE A 67 12.74 9.02 -13.58
C PHE A 67 14.21 9.11 -14.00
N LYS A 68 14.48 8.81 -15.26
CA LYS A 68 15.76 9.17 -15.85
C LYS A 68 15.89 10.70 -15.71
N ASN A 69 17.02 11.13 -15.13
CA ASN A 69 17.34 12.52 -14.95
C ASN A 69 16.50 13.20 -13.88
N LYS A 70 15.75 12.40 -13.10
CA LYS A 70 15.15 12.90 -11.87
C LYS A 70 15.82 12.26 -10.67
N ALA A 71 16.19 10.99 -10.81
CA ALA A 71 16.53 10.19 -9.65
C ALA A 71 17.99 9.77 -9.66
N THR A 72 18.59 9.73 -8.46
CA THR A 72 19.92 9.20 -8.24
C THR A 72 19.90 8.35 -6.98
N PHE A 73 20.34 7.09 -7.11
CA PHE A 73 20.45 6.20 -5.96
C PHE A 73 21.90 6.27 -5.46
N THR A 74 22.10 6.21 -4.14
CA THR A 74 23.43 6.13 -3.56
C THR A 74 23.38 5.30 -2.27
N ALA A 75 24.56 4.84 -1.79
CA ALA A 75 24.54 3.96 -0.64
C ALA A 75 25.79 4.10 0.23
N ASP A 76 25.65 3.70 1.51
CA ASP A 76 26.79 3.42 2.38
C ASP A 76 26.51 2.19 3.23
N ALA A 77 27.37 1.17 3.03
CA ALA A 77 27.28 -0.15 3.63
C ALA A 77 27.42 -0.08 5.15
N SER A 78 28.39 0.69 5.63
CA SER A 78 28.67 0.72 7.06
C SER A 78 27.55 1.39 7.83
N SER A 79 26.76 2.23 7.14
CA SER A 79 25.61 2.90 7.74
C SER A 79 24.31 2.12 7.53
N ASN A 80 24.34 1.10 6.65
CA ASN A 80 23.21 0.19 6.43
C ASN A 80 21.98 0.96 5.93
N THR A 81 22.24 1.96 5.08
CA THR A 81 21.18 2.84 4.61
C THR A 81 21.44 3.17 3.14
N ALA A 82 20.33 3.27 2.41
CA ALA A 82 20.29 3.55 0.99
C ALA A 82 19.59 4.89 0.76
N TYR A 83 20.04 5.59 -0.29
CA TYR A 83 19.56 6.93 -0.54
C TYR A 83 18.89 6.99 -1.92
N LEU A 84 17.87 7.84 -2.02
CA LEU A 84 17.31 8.25 -3.29
C LEU A 84 17.26 9.78 -3.31
N ARG A 85 17.96 10.39 -4.27
CA ARG A 85 17.88 11.82 -4.46
C ARG A 85 16.97 12.10 -5.66
N LEU A 86 16.00 13.00 -5.49
CA LEU A 86 15.08 13.34 -6.56
C LEU A 86 15.17 14.83 -6.87
N SER A 87 15.45 15.16 -8.14
CA SER A 87 15.78 16.52 -8.57
C SER A 87 14.64 17.14 -9.37
N SER A 88 14.68 18.48 -9.48
CA SER A 88 13.71 19.27 -10.25
C SER A 88 12.27 18.98 -9.88
N LEU A 89 11.92 19.17 -8.60
CA LEU A 89 10.65 18.65 -8.10
C LEU A 89 9.50 19.51 -8.60
N THR A 90 8.40 18.85 -8.99
CA THR A 90 7.14 19.53 -9.27
C THR A 90 6.05 18.97 -8.37
N SER A 91 4.83 19.51 -8.51
CA SER A 91 3.70 19.06 -7.72
C SER A 91 3.35 17.60 -8.00
N GLU A 92 3.76 17.07 -9.16
CA GLU A 92 3.45 15.69 -9.49
C GLU A 92 4.28 14.72 -8.65
N ASP A 93 5.30 15.23 -7.97
CA ASP A 93 6.15 14.37 -7.17
C ASP A 93 5.55 14.18 -5.76
N THR A 94 4.45 14.87 -5.43
CA THR A 94 3.84 14.74 -4.12
C THR A 94 3.21 13.35 -3.99
N ALA A 95 3.78 12.51 -3.13
CA ALA A 95 3.53 11.09 -3.11
C ALA A 95 4.16 10.44 -1.87
N THR A 96 3.77 9.20 -1.64
CA THR A 96 4.37 8.39 -0.59
C THR A 96 5.48 7.59 -1.26
N TYR A 97 6.66 7.54 -0.62
CA TYR A 97 7.78 6.75 -1.12
C TYR A 97 8.02 5.57 -0.20
N PHE A 98 8.00 4.36 -0.77
CA PHE A 98 8.36 3.15 -0.05
C PHE A 98 9.69 2.64 -0.59
N CYS A 99 10.37 1.85 0.25
CA CYS A 99 11.48 1.06 -0.22
C CYS A 99 11.15 -0.40 0.04
N THR A 100 11.74 -1.29 -0.77
CA THR A 100 11.46 -2.71 -0.74
C THR A 100 12.65 -3.46 -1.35
N THR A 101 12.67 -4.78 -1.14
CA THR A 101 13.91 -5.50 -1.36
C THR A 101 13.76 -6.63 -2.37
N VAL A 102 14.87 -6.95 -3.02
CA VAL A 102 15.02 -8.22 -3.73
C VAL A 102 16.27 -8.92 -3.22
N THR A 103 16.17 -10.25 -3.04
CA THR A 103 17.28 -11.03 -2.52
C THR A 103 17.29 -12.44 -3.08
N PHE A 104 18.51 -12.93 -3.39
CA PHE A 104 18.66 -14.32 -3.77
C PHE A 104 19.48 -15.10 -2.74
N TYR A 105 19.71 -14.49 -1.58
CA TYR A 105 20.51 -15.12 -0.53
C TYR A 105 19.65 -15.94 0.43
N TYR A 106 18.33 -15.98 0.24
CA TYR A 106 17.49 -16.84 1.07
C TYR A 106 16.50 -17.67 0.24
N SER A 107 15.36 -18.00 0.86
CA SER A 107 14.34 -18.80 0.20
C SER A 107 13.75 -18.08 -1.03
N ARG A 108 12.97 -18.82 -1.81
CA ARG A 108 12.32 -18.26 -2.99
C ARG A 108 11.27 -17.24 -2.52
N GLU A 109 10.62 -17.55 -1.40
CA GLU A 109 9.47 -16.76 -0.92
C GLU A 109 9.93 -15.39 -0.45
N LEU A 110 11.25 -15.23 -0.29
CA LEU A 110 11.82 -13.99 0.21
C LEU A 110 12.47 -13.14 -0.90
N ARG A 111 12.34 -13.54 -2.16
CA ARG A 111 13.06 -12.87 -3.22
C ARG A 111 12.38 -11.56 -3.61
N TRP A 112 11.06 -11.60 -3.80
CA TRP A 112 10.43 -10.52 -4.57
C TRP A 112 9.60 -9.57 -3.73
N PHE A 113 10.20 -8.45 -3.34
CA PHE A 113 9.53 -7.41 -2.55
C PHE A 113 8.85 -8.00 -1.33
N ALA A 114 9.63 -8.82 -0.58
CA ALA A 114 9.12 -9.49 0.59
C ALA A 114 8.98 -8.52 1.77
N TYR A 115 9.82 -7.48 1.78
CA TYR A 115 9.83 -6.51 2.87
C TYR A 115 9.58 -5.11 2.33
N TRP A 116 8.78 -4.34 3.06
CA TRP A 116 8.44 -2.99 2.66
C TRP A 116 8.55 -2.04 3.83
N GLY A 117 9.12 -0.86 3.60
CA GLY A 117 9.03 0.17 4.61
C GLY A 117 7.57 0.58 4.86
N GLN A 118 7.39 1.35 5.95
CA GLN A 118 6.11 1.88 6.33
C GLN A 118 5.69 2.98 5.35
N GLY A 119 6.68 3.60 4.68
CA GLY A 119 6.43 4.67 3.72
C GLY A 119 6.48 6.08 4.31
N THR A 120 6.91 7.06 3.48
CA THR A 120 7.18 8.43 3.88
C THR A 120 6.55 9.38 2.86
N LEU A 121 5.68 10.26 3.34
CA LEU A 121 5.00 11.21 2.47
C LEU A 121 5.92 12.38 2.18
N VAL A 122 5.95 12.82 0.91
CA VAL A 122 6.71 14.01 0.56
C VAL A 122 5.82 14.99 -0.18
N THR A 123 5.67 16.20 0.33
CA THR A 123 4.84 17.19 -0.35
C THR A 123 5.70 18.23 -1.06
N VAL A 124 5.54 18.39 -2.37
CA VAL A 124 6.14 19.50 -3.08
C VAL A 124 5.10 20.61 -3.08
N SER A 125 5.47 21.79 -2.57
CA SER A 125 4.52 22.88 -2.46
C SER A 125 5.24 24.13 -1.97
N SER A 126 4.59 25.26 -2.28
CA SER A 126 5.11 26.60 -2.01
C SER A 126 4.59 27.09 -0.66
N ALA A 127 3.60 26.40 -0.11
CA ALA A 127 3.05 26.78 1.18
C ALA A 127 4.03 26.47 2.30
N GLU A 128 3.85 27.10 3.45
CA GLU A 128 4.72 26.87 4.60
C GLU A 128 4.03 25.97 5.62
N THR A 129 4.87 25.30 6.41
CA THR A 129 4.46 24.43 7.51
C THR A 129 3.51 25.16 8.45
N THR A 130 2.27 24.66 8.59
CA THR A 130 1.28 25.29 9.44
C THR A 130 0.83 24.29 10.49
N ALA A 131 1.00 24.68 11.75
CA ALA A 131 0.58 23.86 12.86
C ALA A 131 -0.96 23.79 12.87
N PRO A 132 -1.51 22.62 13.28
CA PRO A 132 -2.96 22.45 13.31
C PRO A 132 -3.56 22.95 14.61
N SER A 133 -4.83 23.36 14.57
CA SER A 133 -5.60 23.64 15.76
C SER A 133 -6.59 22.50 16.08
N VAL A 134 -6.51 22.02 17.33
CA VAL A 134 -7.31 20.90 17.78
C VAL A 134 -8.49 21.38 18.65
N TYR A 135 -9.68 20.88 18.33
CA TYR A 135 -10.89 21.30 19.03
C TYR A 135 -11.68 20.04 19.39
N PRO A 136 -12.28 19.98 20.60
CA PRO A 136 -13.06 18.80 21.00
C PRO A 136 -14.46 18.86 20.40
N LEU A 137 -14.93 17.70 19.95
CA LEU A 137 -16.33 17.43 19.68
C LEU A 137 -16.85 16.57 20.82
N ALA A 138 -17.73 17.20 21.61
CA ALA A 138 -18.39 16.66 22.79
C ALA A 138 -19.89 16.71 22.57
N PRO A 139 -20.67 15.75 23.10
CA PRO A 139 -22.14 15.77 23.04
C PRO A 139 -22.86 17.02 23.55
N GLY A 140 -23.68 17.57 22.63
CA GLY A 140 -24.56 18.70 22.86
C GLY A 140 -25.68 18.39 23.86
N THR A 141 -25.96 17.10 24.08
CA THR A 141 -26.97 16.64 25.02
C THR A 141 -26.32 15.65 26.02
N ALA A 142 -26.83 15.61 27.26
CA ALA A 142 -26.12 15.08 28.43
C ALA A 142 -26.06 13.55 28.47
N LEU A 143 -25.58 12.98 29.60
CA LEU A 143 -25.12 11.60 29.73
C LEU A 143 -26.30 10.66 30.02
N LYS A 144 -26.30 9.48 29.38
CA LYS A 144 -27.21 8.39 29.73
C LYS A 144 -26.40 7.22 30.30
N SER A 145 -26.84 6.73 31.47
CA SER A 145 -26.17 5.65 32.20
C SER A 145 -26.59 4.31 31.61
N ASN A 146 -25.59 3.55 31.11
CA ASN A 146 -25.81 2.36 30.30
C ASN A 146 -26.30 2.75 28.90
N SER A 147 -25.33 3.02 28.03
CA SER A 147 -25.51 3.28 26.60
C SER A 147 -24.13 3.42 25.96
N MET A 148 -24.09 3.96 24.74
CA MET A 148 -22.85 4.29 24.07
C MET A 148 -22.74 5.80 23.87
N VAL A 149 -21.49 6.26 23.66
CA VAL A 149 -21.28 7.66 23.35
C VAL A 149 -20.10 7.86 22.39
N THR A 150 -20.30 8.78 21.44
CA THR A 150 -19.35 9.07 20.37
C THR A 150 -18.73 10.46 20.63
N LEU A 151 -17.41 10.51 20.79
CA LEU A 151 -16.68 11.75 20.96
C LEU A 151 -15.78 11.95 19.74
N GLY A 152 -15.27 13.18 19.56
CA GLY A 152 -14.37 13.42 18.43
C GLY A 152 -13.44 14.63 18.59
N CYS A 153 -12.52 14.74 17.65
CA CYS A 153 -11.56 15.84 17.62
C CYS A 153 -11.50 16.38 16.21
N LEU A 154 -11.73 17.69 16.09
CA LEU A 154 -11.42 18.39 14.87
C LEU A 154 -9.95 18.87 14.91
N VAL A 155 -9.23 18.54 13.84
CA VAL A 155 -7.87 19.03 13.66
C VAL A 155 -7.84 19.87 12.39
N LYS A 156 -8.00 21.18 12.58
CA LYS A 156 -8.28 22.07 11.46
C LYS A 156 -7.04 22.90 11.13
N GLY A 157 -6.86 23.08 9.81
CA GLY A 157 -5.99 24.11 9.26
C GLY A 157 -4.49 23.83 9.47
N TYR A 158 -4.02 22.69 8.96
CA TYR A 158 -2.59 22.38 9.02
C TYR A 158 -2.06 22.09 7.62
N PHE A 159 -0.72 22.10 7.51
CA PHE A 159 -0.03 21.84 6.27
C PHE A 159 1.44 21.59 6.59
N PRO A 160 2.11 20.57 5.99
CA PRO A 160 1.48 19.62 5.08
C PRO A 160 1.08 18.36 5.82
N GLU A 161 0.61 17.37 5.04
CA GLU A 161 0.32 16.05 5.56
C GLU A 161 1.64 15.45 6.05
N PRO A 162 1.63 14.45 6.96
CA PRO A 162 0.43 13.99 7.68
C PRO A 162 0.27 14.42 9.13
N VAL A 163 -0.78 13.90 9.78
CA VAL A 163 -0.93 14.01 11.23
C VAL A 163 -1.28 12.64 11.78
N THR A 164 -0.79 12.30 12.98
CA THR A 164 -1.22 11.07 13.61
C THR A 164 -2.16 11.38 14.78
N VAL A 165 -3.36 10.79 14.73
CA VAL A 165 -4.27 10.86 15.85
C VAL A 165 -4.27 9.52 16.58
N THR A 166 -4.27 9.57 17.91
CA THR A 166 -4.57 8.41 18.75
C THR A 166 -5.58 8.81 19.81
N TRP A 167 -6.13 7.81 20.48
CA TRP A 167 -6.95 8.05 21.65
C TRP A 167 -6.33 7.36 22.85
N ASN A 168 -6.19 8.16 23.91
CA ASN A 168 -5.62 7.67 25.15
C ASN A 168 -4.31 6.93 24.86
N SER A 169 -3.47 7.55 24.03
CA SER A 169 -2.11 7.07 23.78
C SER A 169 -2.08 5.61 23.32
N GLY A 170 -3.14 5.13 22.65
CA GLY A 170 -3.16 3.79 22.07
C GLY A 170 -4.21 2.86 22.71
N ALA A 171 -4.56 3.16 23.97
CA ALA A 171 -5.44 2.32 24.78
C ALA A 171 -6.83 2.19 24.17
N LEU A 172 -7.27 3.23 23.46
CA LEU A 172 -8.45 3.12 22.65
C LEU A 172 -8.03 2.98 21.20
N SER A 173 -8.17 1.77 20.66
CA SER A 173 -7.93 1.58 19.25
C SER A 173 -9.20 1.12 18.54
N SER A 174 -10.05 0.35 19.23
CA SER A 174 -11.35 0.02 18.64
C SER A 174 -12.32 1.15 18.94
N GLY A 175 -13.32 1.29 18.07
CA GLY A 175 -14.31 2.35 18.18
C GLY A 175 -13.83 3.64 17.55
N VAL A 176 -12.61 3.63 17.03
CA VAL A 176 -11.96 4.80 16.48
C VAL A 176 -12.15 4.85 14.97
N HIS A 177 -12.41 6.04 14.45
CA HIS A 177 -12.42 6.30 13.03
C HIS A 177 -11.65 7.59 12.81
N THR A 178 -10.51 7.49 12.13
CA THR A 178 -9.83 8.70 11.68
C THR A 178 -10.01 8.86 10.18
N PHE A 179 -10.70 9.94 9.79
CA PHE A 179 -11.14 10.18 8.44
C PHE A 179 -9.98 10.76 7.64
N PRO A 180 -9.97 10.58 6.31
CA PRO A 180 -8.94 11.17 5.46
C PRO A 180 -9.06 12.70 5.47
N ALA A 181 -7.91 13.38 5.49
CA ALA A 181 -7.87 14.84 5.55
C ALA A 181 -8.36 15.44 4.25
N VAL A 182 -8.92 16.65 4.33
CA VAL A 182 -9.38 17.35 3.14
C VAL A 182 -8.68 18.70 3.06
N LEU A 183 -8.11 18.95 1.87
CA LEU A 183 -7.46 20.21 1.58
C LEU A 183 -8.53 21.20 1.12
N GLN A 184 -8.53 22.38 1.73
CA GLN A 184 -9.33 23.48 1.21
C GLN A 184 -8.59 24.77 1.55
N SER A 185 -8.34 25.56 0.51
CA SER A 185 -7.62 26.82 0.65
C SER A 185 -6.27 26.59 1.31
N GLY A 186 -5.48 25.64 0.79
CA GLY A 186 -4.09 25.51 1.19
C GLY A 186 -3.89 24.75 2.49
N LEU A 187 -4.99 24.41 3.20
CA LEU A 187 -4.91 23.82 4.53
C LEU A 187 -5.71 22.53 4.62
N TYR A 188 -5.20 21.57 5.41
CA TYR A 188 -5.86 20.31 5.66
C TYR A 188 -6.73 20.36 6.92
N THR A 189 -7.85 19.65 6.86
CA THR A 189 -8.76 19.48 7.99
C THR A 189 -9.18 18.02 8.04
N LEU A 190 -8.97 17.41 9.21
CA LEU A 190 -9.46 16.05 9.46
C LEU A 190 -10.14 15.98 10.83
N THR A 191 -11.07 15.02 10.96
CA THR A 191 -11.70 14.67 12.23
C THR A 191 -11.34 13.22 12.61
N SER A 192 -11.32 12.95 13.92
CA SER A 192 -11.23 11.58 14.38
C SER A 192 -12.30 11.37 15.46
N SER A 193 -12.95 10.20 15.42
CA SER A 193 -13.95 9.94 16.45
C SER A 193 -13.65 8.66 17.20
N VAL A 194 -14.25 8.54 18.40
CA VAL A 194 -14.19 7.31 19.15
C VAL A 194 -15.52 7.11 19.86
N THR A 195 -16.02 5.86 19.82
CA THR A 195 -17.26 5.48 20.49
C THR A 195 -16.90 4.64 21.70
N VAL A 196 -17.44 5.03 22.85
CA VAL A 196 -17.03 4.44 24.12
C VAL A 196 -18.29 4.25 24.97
N PRO A 197 -18.25 3.34 25.98
CA PRO A 197 -19.35 3.17 26.93
C PRO A 197 -19.60 4.42 27.77
N SER A 198 -20.87 4.65 28.14
CA SER A 198 -21.27 5.83 28.89
C SER A 198 -20.58 5.85 30.25
N SER A 199 -20.20 4.67 30.72
CA SER A 199 -19.53 4.56 32.00
C SER A 199 -18.11 5.11 31.91
N THR A 200 -17.42 4.76 30.82
CA THR A 200 -16.01 5.09 30.62
C THR A 200 -15.82 6.61 30.56
N TRP A 201 -16.86 7.32 30.13
CA TRP A 201 -16.68 8.74 29.94
C TRP A 201 -16.68 9.49 31.26
N SER A 202 -17.61 9.12 32.13
CA SER A 202 -17.66 9.73 33.46
C SER A 202 -16.54 9.20 34.37
N SER A 203 -16.17 7.92 34.22
CA SER A 203 -15.23 7.36 35.18
C SER A 203 -13.78 7.61 34.76
N GLN A 204 -13.45 7.23 33.52
CA GLN A 204 -12.12 7.48 32.99
C GLN A 204 -12.15 8.73 32.12
N ALA A 205 -10.97 9.37 31.97
CA ALA A 205 -10.75 10.46 31.03
C ALA A 205 -10.52 9.95 29.60
N VAL A 206 -11.08 10.66 28.63
CA VAL A 206 -10.91 10.30 27.23
C VAL A 206 -10.22 11.46 26.51
N THR A 207 -9.06 11.17 25.93
CA THR A 207 -8.19 12.20 25.35
C THR A 207 -7.72 11.80 23.95
N CYS A 208 -7.63 12.78 23.05
CA CYS A 208 -7.01 12.55 21.76
C CYS A 208 -5.62 13.18 21.70
N ASN A 209 -4.65 12.40 21.20
CA ASN A 209 -3.27 12.84 21.06
C ASN A 209 -2.99 12.97 19.57
N VAL A 210 -2.76 14.21 19.14
CA VAL A 210 -2.52 14.51 17.74
C VAL A 210 -1.08 15.00 17.61
N ALA A 211 -0.37 14.45 16.63
CA ALA A 211 0.98 14.86 16.30
C ALA A 211 1.07 15.31 14.85
N HIS A 212 1.86 16.36 14.62
CA HIS A 212 2.19 16.88 13.30
C HIS A 212 3.69 17.06 13.26
N PRO A 213 4.46 16.02 12.90
CA PRO A 213 5.92 16.06 13.01
C PRO A 213 6.54 17.14 12.13
N ALA A 214 5.85 17.49 11.03
CA ALA A 214 6.34 18.49 10.11
C ALA A 214 6.49 19.86 10.78
N SER A 215 5.59 20.16 11.73
CA SER A 215 5.71 21.38 12.52
C SER A 215 6.14 21.10 13.95
N SER A 216 6.61 19.88 14.21
CA SER A 216 6.97 19.42 15.54
C SER A 216 5.89 19.84 16.55
N THR A 217 4.63 19.60 16.16
CA THR A 217 3.51 19.83 17.06
C THR A 217 3.14 18.52 17.77
N LYS A 218 2.80 18.65 19.05
CA LYS A 218 2.21 17.60 19.85
C LYS A 218 1.10 18.24 20.68
N VAL A 219 -0.13 17.73 20.51
CA VAL A 219 -1.27 18.22 21.25
C VAL A 219 -2.06 17.03 21.76
N ASP A 220 -2.42 17.09 23.04
CA ASP A 220 -3.31 16.13 23.65
C ASP A 220 -4.47 17.00 24.08
N LYS A 221 -5.70 16.52 23.92
CA LYS A 221 -6.87 17.28 24.35
C LYS A 221 -7.90 16.35 25.00
N LYS A 222 -8.29 16.68 26.22
CA LYS A 222 -9.29 15.90 26.94
C LYS A 222 -10.65 16.36 26.47
N ILE A 223 -11.57 15.42 26.25
CA ILE A 223 -12.91 15.79 25.80
C ILE A 223 -13.81 15.94 27.04
N VAL A 224 -14.41 17.13 27.19
CA VAL A 224 -15.20 17.44 28.37
C VAL A 224 -16.63 17.78 27.97
N PRO A 225 -17.62 17.25 28.73
CA PRO A 225 -19.05 17.54 28.45
C PRO A 225 -19.42 19.01 28.49
N ARG A 226 -20.44 19.36 27.71
CA ARG A 226 -20.83 20.75 27.50
C ARG A 226 -22.36 20.87 27.65
N GLN B 27 14.79 -30.96 -32.51
CA GLN B 27 14.35 -31.25 -31.12
C GLN B 27 15.58 -31.58 -30.27
N GLN B 28 16.25 -32.67 -30.65
CA GLN B 28 17.41 -33.17 -29.93
C GLN B 28 18.67 -32.40 -30.36
N GLN B 29 18.53 -31.54 -31.38
CA GLN B 29 19.54 -30.53 -31.67
C GLN B 29 19.40 -29.39 -30.68
N HIS B 30 18.17 -29.15 -30.21
CA HIS B 30 17.91 -28.10 -29.23
C HIS B 30 18.50 -28.47 -27.89
N LEU B 31 18.26 -29.72 -27.46
CA LEU B 31 18.80 -30.24 -26.21
C LEU B 31 20.31 -30.12 -26.16
N GLU B 32 21.01 -30.70 -27.13
CA GLU B 32 22.46 -30.72 -27.17
C GLU B 32 23.00 -29.28 -27.17
N GLN B 33 22.25 -28.37 -27.78
CA GLN B 33 22.64 -26.98 -27.75
C GLN B 33 22.50 -26.41 -26.34
N LEU B 34 21.40 -26.77 -25.66
CA LEU B 34 21.19 -26.38 -24.28
C LEU B 34 22.28 -26.98 -23.38
N LEU B 35 22.58 -28.25 -23.59
CA LEU B 35 23.55 -28.96 -22.79
C LEU B 35 24.90 -28.23 -22.90
N MET B 36 25.33 -27.92 -24.13
CA MET B 36 26.60 -27.26 -24.35
C MET B 36 26.58 -25.85 -23.79
N ASP B 37 25.42 -25.19 -23.85
CA ASP B 37 25.26 -23.87 -23.25
C ASP B 37 25.39 -23.96 -21.73
N LEU B 38 24.83 -25.02 -21.14
CA LEU B 38 24.91 -25.22 -19.71
C LEU B 38 26.31 -25.71 -19.33
N GLN B 39 26.94 -26.50 -20.22
CA GLN B 39 28.32 -26.92 -20.05
C GLN B 39 29.26 -25.73 -20.13
N GLU B 40 28.92 -24.81 -21.05
CA GLU B 40 29.66 -23.57 -21.21
C GLU B 40 29.59 -22.73 -19.94
N LEU B 41 28.39 -22.65 -19.35
CA LEU B 41 28.17 -21.86 -18.14
C LEU B 41 28.94 -22.43 -16.95
N LEU B 42 28.87 -23.75 -16.77
CA LEU B 42 29.54 -24.41 -15.66
C LEU B 42 31.06 -24.29 -15.81
N SER B 43 31.54 -24.50 -17.04
CA SER B 43 32.96 -24.48 -17.35
C SER B 43 33.61 -23.12 -17.06
N ARG B 44 32.88 -22.04 -17.33
CA ARG B 44 33.43 -20.71 -17.23
C ARG B 44 32.93 -20.02 -15.97
N MET B 45 32.26 -20.77 -15.09
CA MET B 45 31.89 -20.26 -13.79
C MET B 45 33.03 -20.56 -12.82
N GLU B 46 33.50 -21.80 -12.84
CA GLU B 46 34.63 -22.24 -12.03
C GLU B 46 35.94 -21.88 -12.73
N ASN B 47 36.63 -20.85 -12.18
CA ASN B 47 38.01 -20.51 -12.47
C ASN B 47 38.34 -19.19 -11.73
N LEU B 53 34.93 -15.51 -7.24
CA LEU B 53 35.38 -15.64 -5.82
C LEU B 53 34.19 -16.10 -4.98
N PRO B 54 34.34 -16.35 -3.65
CA PRO B 54 33.28 -16.98 -2.85
C PRO B 54 32.09 -16.07 -2.58
N ARG B 55 31.87 -15.12 -3.49
CA ARG B 55 30.93 -14.03 -3.37
C ARG B 55 29.70 -14.38 -4.21
N MET B 56 29.92 -15.15 -5.28
CA MET B 56 28.86 -15.58 -6.17
C MET B 56 28.32 -16.92 -5.70
N LEU B 57 28.95 -17.47 -4.64
CA LEU B 57 28.58 -18.75 -4.07
C LEU B 57 27.52 -18.59 -2.99
N THR B 58 27.13 -17.34 -2.72
CA THR B 58 26.14 -17.06 -1.70
C THR B 58 24.73 -17.15 -2.28
N PHE B 59 24.57 -16.83 -3.57
CA PHE B 59 23.28 -16.90 -4.22
C PHE B 59 22.68 -18.31 -4.11
N LYS B 60 21.40 -18.38 -3.79
CA LYS B 60 20.71 -19.63 -3.53
C LYS B 60 19.71 -19.95 -4.65
N PHE B 61 20.00 -21.02 -5.38
CA PHE B 61 19.14 -21.51 -6.44
C PHE B 61 18.33 -22.67 -5.90
N TYR B 62 17.27 -23.05 -6.63
CA TYR B 62 16.41 -24.13 -6.19
C TYR B 62 16.06 -25.05 -7.36
N LEU B 63 15.99 -26.36 -7.05
CA LEU B 63 15.83 -27.43 -8.02
C LEU B 63 14.50 -28.15 -7.76
N PRO B 64 13.90 -28.79 -8.78
CA PRO B 64 12.79 -29.71 -8.53
C PRO B 64 13.29 -30.99 -7.86
N LYS B 65 12.35 -31.68 -7.21
CA LYS B 65 12.62 -32.98 -6.60
C LYS B 65 12.96 -33.97 -7.72
N GLN B 66 12.09 -34.04 -8.72
CA GLN B 66 12.29 -34.91 -9.87
C GLN B 66 12.31 -34.12 -11.17
N ALA B 67 13.25 -34.46 -12.06
CA ALA B 67 13.35 -33.83 -13.36
C ALA B 67 13.60 -34.90 -14.43
N THR B 68 12.52 -35.34 -15.07
CA THR B 68 12.55 -36.51 -15.93
C THR B 68 12.01 -36.25 -17.33
N GLU B 69 11.28 -35.15 -17.51
CA GLU B 69 10.66 -34.88 -18.80
C GLU B 69 11.04 -33.49 -19.29
N LEU B 70 10.76 -33.22 -20.58
CA LEU B 70 11.10 -31.95 -21.21
C LEU B 70 10.35 -30.79 -20.56
N LYS B 71 9.10 -31.06 -20.14
CA LYS B 71 8.30 -30.00 -19.55
C LYS B 71 8.84 -29.62 -18.17
N ASP B 72 9.81 -30.36 -17.64
CA ASP B 72 10.44 -30.04 -16.35
C ASP B 72 11.45 -28.91 -16.50
N LEU B 73 11.79 -28.58 -17.76
CA LEU B 73 12.73 -27.52 -18.05
C LEU B 73 12.14 -26.16 -17.69
N GLN B 74 10.83 -26.13 -17.38
CA GLN B 74 10.17 -24.94 -16.86
C GLN B 74 10.86 -24.51 -15.56
N CYS B 75 11.36 -25.50 -14.79
CA CYS B 75 12.01 -25.25 -13.51
C CYS B 75 13.37 -24.60 -13.71
N LEU B 76 14.00 -24.82 -14.87
CA LEU B 76 15.27 -24.18 -15.19
C LEU B 76 15.02 -22.73 -15.59
N GLU B 77 14.03 -22.52 -16.47
CA GLU B 77 13.61 -21.20 -16.91
C GLU B 77 13.31 -20.28 -15.71
N ASP B 78 12.72 -20.86 -14.66
CA ASP B 78 12.30 -20.12 -13.49
C ASP B 78 13.47 -19.56 -12.68
N GLU B 79 14.67 -20.11 -12.88
CA GLU B 79 15.84 -19.72 -12.10
C GLU B 79 16.81 -18.87 -12.91
N LEU B 80 16.42 -18.47 -14.13
CA LEU B 80 17.31 -17.69 -14.99
C LEU B 80 17.49 -16.27 -14.48
N GLY B 81 16.52 -15.78 -13.68
CA GLY B 81 16.63 -14.48 -13.05
C GLY B 81 17.91 -14.38 -12.23
N PRO B 82 18.02 -15.13 -11.10
CA PRO B 82 19.25 -15.18 -10.31
C PRO B 82 20.49 -15.62 -11.09
N LEU B 83 20.29 -16.51 -12.06
CA LEU B 83 21.41 -17.01 -12.86
C LEU B 83 22.03 -15.87 -13.67
N ARG B 84 21.20 -14.87 -14.00
CA ARG B 84 21.63 -13.69 -14.73
C ARG B 84 22.46 -12.80 -13.84
N HIS B 85 22.04 -12.68 -12.56
CA HIS B 85 22.69 -11.74 -11.66
C HIS B 85 24.09 -12.21 -11.32
N VAL B 86 24.24 -13.52 -11.10
CA VAL B 86 25.54 -14.08 -10.77
C VAL B 86 26.46 -13.88 -11.95
N LEU B 87 25.88 -13.84 -13.16
CA LEU B 87 26.74 -13.70 -14.33
C LEU B 87 27.24 -12.26 -14.45
N ASP B 88 28.34 -12.04 -13.71
CA ASP B 88 29.17 -10.83 -13.73
C ASP B 88 30.58 -11.06 -14.29
N LEU B 89 31.12 -9.99 -14.89
CA LEU B 89 32.49 -9.85 -15.35
C LEU B 89 32.93 -11.05 -16.22
N ASP B 99 27.45 -7.98 -21.28
CA ASP B 99 26.28 -8.29 -22.15
C ASP B 99 26.08 -9.81 -22.24
N ALA B 100 26.27 -10.47 -21.11
CA ALA B 100 25.97 -11.87 -21.03
C ALA B 100 24.46 -12.06 -21.06
N GLU B 101 23.73 -10.95 -21.13
CA GLU B 101 22.28 -11.01 -21.28
C GLU B 101 21.89 -11.89 -22.47
N ASN B 102 22.66 -11.77 -23.55
CA ASN B 102 22.41 -12.51 -24.78
C ASN B 102 22.49 -14.01 -24.53
N PHE B 103 23.33 -14.39 -23.57
CA PHE B 103 23.57 -15.80 -23.27
C PHE B 103 22.35 -16.40 -22.59
N ILE B 104 21.85 -15.72 -21.56
CA ILE B 104 20.69 -16.18 -20.83
C ILE B 104 19.44 -16.08 -21.70
N SER B 105 19.36 -15.00 -22.49
CA SER B 105 18.20 -14.77 -23.33
C SER B 105 18.03 -15.91 -24.33
N ASN B 106 19.14 -16.34 -24.92
CA ASN B 106 19.15 -17.38 -25.93
C ASN B 106 19.00 -18.78 -25.32
N ILE B 107 19.39 -18.93 -24.06
CA ILE B 107 19.10 -20.16 -23.34
C ILE B 107 17.59 -20.26 -23.14
N ARG B 108 16.97 -19.11 -22.81
CA ARG B 108 15.55 -19.08 -22.52
C ARG B 108 14.73 -19.46 -23.74
N VAL B 109 15.07 -18.87 -24.88
CA VAL B 109 14.33 -19.17 -26.10
C VAL B 109 14.46 -20.67 -26.44
N THR B 110 15.62 -21.27 -26.14
CA THR B 110 15.85 -22.67 -26.40
C THR B 110 14.97 -23.49 -25.47
N VAL B 111 14.91 -23.10 -24.19
CA VAL B 111 14.07 -23.80 -23.24
C VAL B 111 12.61 -23.68 -23.66
N VAL B 112 12.17 -22.49 -24.08
CA VAL B 112 10.79 -22.29 -24.52
C VAL B 112 10.44 -23.18 -25.71
N LYS B 113 11.41 -23.36 -26.63
CA LYS B 113 11.26 -24.26 -27.77
C LYS B 113 11.17 -25.72 -27.32
N LEU B 114 11.71 -26.05 -26.17
CA LEU B 114 11.87 -27.44 -25.76
C LEU B 114 10.76 -27.89 -24.79
N LYS B 115 10.33 -27.01 -23.88
CA LYS B 115 9.55 -27.44 -22.72
C LYS B 115 8.12 -27.78 -23.14
N GLY B 116 7.71 -27.28 -24.31
CA GLY B 116 6.30 -27.23 -24.68
C GLY B 116 5.78 -25.80 -24.50
N SER B 117 4.82 -25.40 -25.32
CA SER B 117 4.24 -24.06 -25.22
C SER B 117 2.73 -24.14 -25.00
N ASP B 118 2.18 -25.32 -25.24
CA ASP B 118 0.77 -25.68 -25.13
C ASP B 118 0.22 -25.38 -23.73
N ASN B 119 0.96 -25.81 -22.69
CA ASN B 119 0.42 -25.78 -21.33
C ASN B 119 1.47 -25.36 -20.31
N THR B 120 0.97 -24.89 -19.16
CA THR B 120 1.81 -24.25 -18.16
C THR B 120 2.01 -25.20 -16.98
N PHE B 121 3.08 -25.99 -17.06
CA PHE B 121 3.47 -26.85 -15.96
C PHE B 121 3.95 -26.01 -14.77
N GLU B 122 3.34 -26.25 -13.60
CA GLU B 122 3.84 -25.62 -12.37
C GLU B 122 4.99 -26.46 -11.80
N CYS B 123 6.10 -25.79 -11.52
CA CYS B 123 7.27 -26.48 -10.97
C CYS B 123 7.11 -26.68 -9.47
N GLN B 124 7.58 -27.81 -8.96
CA GLN B 124 7.60 -28.08 -7.53
C GLN B 124 9.03 -28.11 -7.01
N PHE B 125 9.46 -27.04 -6.35
CA PHE B 125 10.85 -26.94 -5.92
C PHE B 125 11.10 -27.56 -4.55
N ASP B 126 12.32 -28.08 -4.38
CA ASP B 126 12.79 -28.57 -3.09
C ASP B 126 13.24 -27.38 -2.25
N ASP B 127 13.10 -27.51 -0.93
CA ASP B 127 13.39 -26.45 0.04
C ASP B 127 14.91 -26.23 0.17
N GLU B 128 15.66 -27.29 -0.12
CA GLU B 128 17.11 -27.26 0.01
C GLU B 128 17.72 -26.49 -1.15
N SER B 129 18.60 -25.54 -0.81
CA SER B 129 19.20 -24.64 -1.79
C SER B 129 20.43 -25.27 -2.43
N ALA B 130 20.93 -24.64 -3.50
CA ALA B 130 22.13 -25.08 -4.17
C ALA B 130 22.93 -23.87 -4.64
N THR B 131 24.27 -23.99 -4.66
CA THR B 131 25.10 -22.97 -5.29
C THR B 131 24.81 -22.92 -6.78
N VAL B 132 25.30 -21.87 -7.44
CA VAL B 132 25.20 -21.72 -8.88
C VAL B 132 25.87 -22.92 -9.56
N VAL B 133 26.86 -23.52 -8.91
CA VAL B 133 27.64 -24.60 -9.51
C VAL B 133 26.86 -25.92 -9.49
N ASP B 134 26.35 -26.32 -8.34
CA ASP B 134 25.64 -27.58 -8.21
C ASP B 134 24.34 -27.55 -9.01
N PHE B 135 23.70 -26.38 -9.06
CA PHE B 135 22.51 -26.14 -9.86
C PHE B 135 22.83 -26.39 -11.33
N LEU B 136 23.95 -25.84 -11.83
CA LEU B 136 24.38 -26.01 -13.21
C LEU B 136 24.71 -27.47 -13.50
N ARG B 137 25.41 -28.13 -12.56
CA ARG B 137 25.77 -29.53 -12.73
C ARG B 137 24.51 -30.39 -12.79
N ARG B 138 23.51 -30.05 -11.99
CA ARG B 138 22.28 -30.81 -11.88
C ARG B 138 21.49 -30.80 -13.20
N TRP B 139 21.36 -29.61 -13.80
CA TRP B 139 20.62 -29.45 -15.05
C TRP B 139 21.37 -30.03 -16.23
N ILE B 140 22.70 -29.88 -16.21
CA ILE B 140 23.57 -30.55 -17.18
C ILE B 140 23.30 -32.06 -17.14
N ALA B 141 23.34 -32.63 -15.93
CA ALA B 141 23.08 -34.04 -15.72
C ALA B 141 21.70 -34.41 -16.25
N PHE B 142 20.71 -33.53 -15.99
CA PHE B 142 19.36 -33.77 -16.46
C PHE B 142 19.31 -33.81 -17.99
N CYS B 143 20.09 -32.92 -18.64
CA CYS B 143 20.09 -32.83 -20.08
C CYS B 143 20.66 -34.10 -20.70
N GLN B 144 21.86 -34.50 -20.21
CA GLN B 144 22.48 -35.75 -20.62
C GLN B 144 21.51 -36.91 -20.36
N SER B 145 20.80 -36.84 -19.22
CA SER B 145 19.85 -37.86 -18.78
C SER B 145 18.70 -38.00 -19.76
N ILE B 146 18.20 -36.86 -20.26
CA ILE B 146 16.95 -36.83 -21.00
C ILE B 146 17.23 -37.03 -22.50
N ILE B 147 18.46 -36.77 -22.92
CA ILE B 147 18.81 -36.91 -24.33
C ILE B 147 18.44 -38.32 -24.83
N SER B 148 18.68 -39.35 -24.00
CA SER B 148 18.23 -40.72 -24.22
C SER B 148 16.69 -40.82 -24.09
N SER B 187 12.32 -3.18 -25.34
CA SER B 187 10.85 -3.28 -25.16
C SER B 187 10.51 -3.41 -23.67
N ASP B 188 9.74 -2.44 -23.16
CA ASP B 188 9.31 -2.37 -21.78
C ASP B 188 7.99 -3.12 -21.62
N ILE B 189 7.87 -3.94 -20.58
CA ILE B 189 6.77 -4.89 -20.47
C ILE B 189 5.58 -4.22 -19.80
N GLN B 190 4.47 -4.16 -20.54
CA GLN B 190 3.24 -3.56 -20.07
C GLN B 190 2.41 -4.65 -19.39
N VAL B 191 1.65 -4.27 -18.35
CA VAL B 191 0.76 -5.24 -17.75
C VAL B 191 -0.60 -4.62 -17.43
N THR B 192 -1.67 -5.28 -17.90
CA THR B 192 -3.02 -4.78 -17.69
C THR B 192 -3.73 -5.58 -16.61
N GLN B 193 -4.21 -4.88 -15.57
CA GLN B 193 -4.96 -5.56 -14.54
C GLN B 193 -6.44 -5.30 -14.63
N SER B 194 -7.23 -6.31 -14.25
CA SER B 194 -8.66 -6.22 -14.38
C SER B 194 -9.34 -7.20 -13.43
N PRO B 195 -10.52 -6.85 -12.87
CA PRO B 195 -11.12 -5.51 -13.02
C PRO B 195 -10.45 -4.44 -12.17
N ALA B 196 -10.79 -3.17 -12.44
CA ALA B 196 -10.26 -2.03 -11.71
C ALA B 196 -10.84 -1.98 -10.30
N SER B 197 -12.13 -2.33 -10.22
CA SER B 197 -12.81 -2.41 -8.93
C SER B 197 -13.85 -3.53 -8.99
N LEU B 198 -14.22 -4.04 -7.80
CA LEU B 198 -15.13 -5.16 -7.66
C LEU B 198 -15.75 -5.17 -6.26
N SER B 199 -17.06 -5.40 -6.19
CA SER B 199 -17.66 -5.70 -4.90
C SER B 199 -18.22 -7.12 -4.92
N ALA B 200 -18.03 -7.87 -3.84
CA ALA B 200 -18.41 -9.28 -3.80
C ALA B 200 -18.80 -9.62 -2.36
N SER B 201 -19.59 -10.70 -2.20
CA SER B 201 -20.13 -11.08 -0.91
C SER B 201 -19.13 -11.96 -0.15
N LEU B 202 -19.36 -12.10 1.16
CA LEU B 202 -18.66 -13.11 1.94
C LEU B 202 -18.81 -14.48 1.31
N GLU B 203 -17.74 -15.27 1.41
CA GLU B 203 -17.66 -16.67 1.01
C GLU B 203 -17.63 -16.81 -0.51
N GLU B 204 -17.58 -15.69 -1.23
CA GLU B 204 -17.55 -15.72 -2.69
C GLU B 204 -16.14 -16.03 -3.18
N ILE B 205 -16.05 -16.70 -4.30
CA ILE B 205 -14.76 -16.97 -4.93
C ILE B 205 -14.48 -15.82 -5.89
N VAL B 206 -13.33 -15.18 -5.72
CA VAL B 206 -13.03 -14.01 -6.52
C VAL B 206 -11.79 -14.25 -7.36
N THR B 207 -11.81 -13.80 -8.61
CA THR B 207 -10.66 -13.89 -9.48
C THR B 207 -10.27 -12.50 -9.99
N ILE B 208 -8.98 -12.18 -9.88
CA ILE B 208 -8.39 -10.99 -10.48
C ILE B 208 -7.33 -11.40 -11.51
N THR B 209 -7.32 -10.67 -12.63
CA THR B 209 -6.51 -11.02 -13.78
C THR B 209 -5.44 -9.96 -14.05
N CYS B 210 -4.28 -10.43 -14.50
CA CYS B 210 -3.29 -9.57 -15.12
C CYS B 210 -2.88 -10.12 -16.47
N GLN B 211 -2.86 -9.24 -17.47
CA GLN B 211 -2.44 -9.63 -18.81
C GLN B 211 -1.13 -8.92 -19.16
N ALA B 212 -0.12 -9.73 -19.51
CA ALA B 212 1.18 -9.21 -19.88
C ALA B 212 1.29 -9.07 -21.40
N SER B 213 1.95 -7.99 -21.84
CA SER B 213 2.22 -7.72 -23.23
C SER B 213 3.20 -8.72 -23.85
N GLN B 214 3.88 -9.52 -23.04
CA GLN B 214 4.90 -10.42 -23.54
C GLN B 214 4.98 -11.66 -22.66
N ASP B 215 5.66 -12.68 -23.18
CA ASP B 215 5.94 -13.89 -22.43
C ASP B 215 6.89 -13.58 -21.26
N ILE B 216 6.35 -13.63 -20.03
CA ILE B 216 7.13 -13.22 -18.87
C ILE B 216 7.34 -14.40 -17.93
N GLY B 217 6.68 -15.51 -18.26
CA GLY B 217 6.87 -16.73 -17.50
C GLY B 217 6.35 -16.54 -16.09
N ASN B 218 7.15 -17.02 -15.12
CA ASN B 218 6.70 -17.01 -13.74
C ASN B 218 7.23 -15.80 -12.98
N TYR B 219 7.48 -14.69 -13.67
CA TYR B 219 8.12 -13.54 -13.03
C TYR B 219 7.10 -12.43 -12.82
N LEU B 220 5.99 -12.81 -12.19
CA LEU B 220 4.95 -11.88 -11.77
C LEU B 220 4.55 -12.27 -10.35
N SER B 221 4.29 -11.25 -9.53
CA SER B 221 3.87 -11.49 -8.16
C SER B 221 2.65 -10.64 -7.80
N TRP B 222 1.95 -11.04 -6.75
CA TRP B 222 0.73 -10.37 -6.33
C TRP B 222 0.89 -9.78 -4.93
N TYR B 223 0.39 -8.54 -4.75
CA TYR B 223 0.57 -7.81 -3.51
C TYR B 223 -0.75 -7.21 -3.06
N GLN B 224 -0.84 -7.00 -1.75
CA GLN B 224 -2.04 -6.41 -1.16
C GLN B 224 -1.68 -5.12 -0.44
N GLN B 225 -2.63 -4.20 -0.38
CA GLN B 225 -2.39 -2.97 0.35
C GLN B 225 -3.69 -2.43 0.95
N LYS B 226 -3.61 -2.02 2.23
CA LYS B 226 -4.79 -1.54 2.92
C LYS B 226 -4.48 -0.19 3.56
N LEU B 227 -5.46 0.74 3.48
CA LEU B 227 -5.37 2.03 4.15
C LEU B 227 -4.11 2.79 3.74
N GLY B 228 -3.64 2.55 2.51
CA GLY B 228 -2.47 3.22 1.95
C GLY B 228 -1.18 2.89 2.70
N LYS B 229 -1.18 1.76 3.43
CA LYS B 229 -0.03 1.33 4.20
C LYS B 229 0.89 0.45 3.37
N SER B 230 1.88 -0.16 4.01
CA SER B 230 2.85 -0.99 3.33
C SER B 230 2.15 -2.07 2.50
N PRO B 231 2.51 -2.23 1.22
CA PRO B 231 2.11 -3.40 0.47
C PRO B 231 2.64 -4.65 1.15
N GLN B 232 1.95 -5.77 0.94
CA GLN B 232 2.31 -7.07 1.46
C GLN B 232 2.26 -8.09 0.32
N LEU B 233 3.36 -8.83 0.16
CA LEU B 233 3.44 -9.88 -0.83
C LEU B 233 2.43 -10.98 -0.49
N LEU B 234 1.63 -11.39 -1.48
CA LEU B 234 0.65 -12.45 -1.34
C LEU B 234 1.13 -13.73 -2.05
N ILE B 235 1.39 -13.63 -3.35
CA ILE B 235 1.82 -14.74 -4.17
C ILE B 235 3.03 -14.26 -4.97
N HIS B 236 4.06 -15.07 -4.95
CA HIS B 236 5.30 -14.77 -5.64
C HIS B 236 5.55 -15.83 -6.71
N SER B 237 6.25 -15.41 -7.77
CA SER B 237 6.54 -16.30 -8.89
C SER B 237 5.26 -16.88 -9.48
N ALA B 238 4.23 -16.03 -9.64
CA ALA B 238 2.98 -16.36 -10.26
C ALA B 238 2.10 -17.28 -9.41
N THR B 239 2.70 -18.32 -8.80
CA THR B 239 1.85 -19.35 -8.23
C THR B 239 2.17 -19.71 -6.78
N SER B 240 3.25 -19.18 -6.16
CA SER B 240 3.64 -19.69 -4.84
C SER B 240 3.07 -18.80 -3.74
N LEU B 241 2.52 -19.41 -2.69
CA LEU B 241 2.03 -18.64 -1.57
C LEU B 241 3.21 -18.13 -0.74
N ALA B 242 3.16 -16.85 -0.38
CA ALA B 242 4.17 -16.33 0.53
C ALA B 242 3.90 -16.88 1.93
N ASP B 243 4.97 -17.15 2.67
CA ASP B 243 4.82 -17.42 4.10
C ASP B 243 4.11 -16.25 4.77
N GLY B 244 3.16 -16.56 5.64
CA GLY B 244 2.43 -15.50 6.33
C GLY B 244 1.06 -15.27 5.72
N VAL B 245 0.84 -15.77 4.50
CA VAL B 245 -0.38 -15.39 3.80
C VAL B 245 -1.44 -16.44 4.03
N PRO B 246 -2.70 -16.02 4.28
CA PRO B 246 -3.84 -16.95 4.30
C PRO B 246 -3.84 -17.92 3.11
N SER B 247 -4.18 -19.18 3.40
CA SER B 247 -4.23 -20.26 2.45
C SER B 247 -5.32 -20.05 1.40
N ARG B 248 -6.22 -19.09 1.59
CA ARG B 248 -7.30 -18.88 0.64
C ARG B 248 -6.80 -18.13 -0.60
N PHE B 249 -5.60 -17.56 -0.52
CA PHE B 249 -5.03 -16.88 -1.67
C PHE B 249 -4.22 -17.86 -2.52
N SER B 250 -4.39 -17.77 -3.83
CA SER B 250 -3.68 -18.67 -4.74
C SER B 250 -3.50 -17.99 -6.08
N GLY B 251 -2.50 -18.47 -6.83
CA GLY B 251 -2.14 -17.83 -8.08
C GLY B 251 -2.07 -18.85 -9.23
N SER B 252 -2.61 -18.46 -10.38
CA SER B 252 -2.60 -19.37 -11.52
C SER B 252 -2.09 -18.61 -12.72
N ARG B 253 -1.56 -19.36 -13.67
CA ARG B 253 -1.06 -18.76 -14.89
C ARG B 253 -1.40 -19.62 -16.09
N SER B 254 -1.89 -18.95 -17.14
CA SER B 254 -2.10 -19.60 -18.42
C SER B 254 -1.44 -18.77 -19.52
N GLY B 255 -0.26 -19.20 -19.96
CA GLY B 255 0.54 -18.40 -20.87
C GLY B 255 0.82 -17.02 -20.29
N THR B 256 0.18 -15.99 -20.89
CA THR B 256 0.43 -14.60 -20.53
C THR B 256 -0.70 -14.06 -19.65
N GLN B 257 -1.66 -14.92 -19.29
CA GLN B 257 -2.73 -14.53 -18.39
C GLN B 257 -2.42 -15.04 -16.98
N TYR B 258 -2.50 -14.13 -16.00
CA TYR B 258 -2.21 -14.46 -14.62
C TYR B 258 -3.46 -14.23 -13.80
N SER B 259 -3.72 -15.11 -12.83
N SER B 259 -3.69 -15.10 -12.81
CA SER B 259 -4.94 -14.94 -12.03
CA SER B 259 -4.91 -15.07 -12.01
C SER B 259 -4.63 -15.06 -10.55
C SER B 259 -4.55 -15.05 -10.53
N LEU B 260 -5.05 -14.05 -9.81
CA LEU B 260 -5.04 -14.13 -8.35
C LEU B 260 -6.42 -14.63 -7.94
N LYS B 261 -6.48 -15.70 -7.16
CA LYS B 261 -7.79 -16.21 -6.77
C LYS B 261 -7.92 -16.19 -5.25
N ILE B 262 -9.09 -15.71 -4.80
CA ILE B 262 -9.35 -15.70 -3.37
C ILE B 262 -10.44 -16.73 -3.11
N ASN B 263 -10.04 -17.84 -2.48
CA ASN B 263 -10.96 -18.95 -2.29
C ASN B 263 -11.84 -18.70 -1.08
N ARG B 264 -13.00 -18.06 -1.33
CA ARG B 264 -14.03 -17.79 -0.32
C ARG B 264 -13.66 -16.58 0.54
N LEU B 265 -14.11 -15.41 0.07
CA LEU B 265 -13.74 -14.09 0.55
C LEU B 265 -14.08 -13.92 2.02
N GLN B 266 -13.15 -13.28 2.74
CA GLN B 266 -13.30 -13.00 4.16
C GLN B 266 -13.44 -11.49 4.36
N VAL B 267 -13.92 -11.10 5.56
CA VAL B 267 -14.20 -9.69 5.88
C VAL B 267 -12.95 -8.82 5.69
N GLU B 268 -11.82 -9.31 6.23
CA GLU B 268 -10.57 -8.60 6.20
C GLU B 268 -9.99 -8.47 4.78
N ASP B 269 -10.64 -9.04 3.77
CA ASP B 269 -10.04 -9.02 2.44
C ASP B 269 -10.33 -7.73 1.67
N THR B 270 -11.09 -6.80 2.27
CA THR B 270 -11.34 -5.50 1.66
C THR B 270 -10.00 -4.77 1.50
N GLY B 271 -9.77 -4.15 0.34
CA GLY B 271 -8.43 -3.68 0.06
C GLY B 271 -8.12 -3.56 -1.43
N ILE B 272 -6.85 -3.20 -1.72
CA ILE B 272 -6.36 -3.10 -3.08
C ILE B 272 -5.32 -4.18 -3.38
N TYR B 273 -5.38 -4.74 -4.59
CA TYR B 273 -4.48 -5.79 -5.01
C TYR B 273 -3.71 -5.30 -6.25
N TYR B 274 -2.41 -5.61 -6.31
CA TYR B 274 -1.55 -5.21 -7.43
C TYR B 274 -0.75 -6.41 -7.90
N CYS B 275 -0.59 -6.51 -9.21
CA CYS B 275 0.40 -7.41 -9.77
C CYS B 275 1.65 -6.59 -10.12
N LEU B 276 2.78 -7.28 -10.24
CA LEU B 276 4.04 -6.67 -10.57
C LEU B 276 4.83 -7.61 -11.48
N GLN B 277 5.18 -7.13 -12.68
CA GLN B 277 6.09 -7.90 -13.51
C GLN B 277 7.49 -7.59 -12.99
N HIS B 278 8.27 -8.63 -12.75
CA HIS B 278 9.64 -8.45 -12.31
C HIS B 278 10.52 -9.38 -13.12
N TYR B 279 10.16 -9.49 -14.41
CA TYR B 279 10.88 -10.29 -15.38
C TYR B 279 12.16 -9.59 -15.81
N SER B 280 12.04 -8.33 -16.22
CA SER B 280 13.23 -7.52 -16.50
C SER B 280 12.89 -6.03 -16.30
N THR B 281 13.98 -5.26 -16.20
CA THR B 281 13.93 -3.84 -15.92
C THR B 281 13.45 -3.09 -17.16
N PRO B 282 12.57 -2.07 -17.00
CA PRO B 282 11.99 -1.66 -15.71
C PRO B 282 10.84 -2.54 -15.25
N TYR B 283 10.78 -2.79 -13.93
CA TYR B 283 9.65 -3.48 -13.35
C TYR B 283 8.39 -2.64 -13.50
N THR B 284 7.22 -3.27 -13.51
CA THR B 284 5.96 -2.58 -13.82
C THR B 284 4.88 -3.17 -12.92
N PHE B 285 4.11 -2.29 -12.27
CA PHE B 285 2.96 -2.73 -11.51
C PHE B 285 1.71 -2.63 -12.39
N GLY B 286 0.76 -3.53 -12.11
CA GLY B 286 -0.59 -3.39 -12.63
C GLY B 286 -1.25 -2.19 -11.97
N ALA B 287 -2.31 -1.69 -12.60
CA ALA B 287 -2.94 -0.46 -12.15
C ALA B 287 -3.70 -0.66 -10.82
N GLY B 288 -3.96 -1.92 -10.45
CA GLY B 288 -4.61 -2.24 -9.19
C GLY B 288 -6.08 -2.61 -9.34
N THR B 289 -6.57 -3.37 -8.36
CA THR B 289 -7.98 -3.74 -8.26
C THR B 289 -8.51 -3.35 -6.89
N LYS B 290 -9.55 -2.53 -6.85
CA LYS B 290 -10.13 -2.18 -5.56
C LYS B 290 -11.25 -3.17 -5.22
N LEU B 291 -11.01 -4.05 -4.24
CA LEU B 291 -12.02 -4.98 -3.78
C LEU B 291 -12.77 -4.49 -2.54
N GLU B 292 -14.10 -4.43 -2.64
CA GLU B 292 -14.97 -4.11 -1.52
C GLU B 292 -15.87 -5.30 -1.20
N LEU B 293 -16.22 -5.45 0.08
CA LEU B 293 -17.14 -6.48 0.55
C LEU B 293 -18.60 -6.00 0.48
N LYS B 294 -19.50 -6.81 -0.07
CA LYS B 294 -20.91 -6.54 0.06
C LYS B 294 -21.37 -6.96 1.46
N ARG B 295 -22.44 -6.33 1.92
CA ARG B 295 -22.92 -6.53 3.28
C ARG B 295 -24.45 -6.38 3.25
N ALA B 296 -25.12 -6.79 4.33
CA ALA B 296 -26.48 -6.33 4.53
C ALA B 296 -26.43 -4.84 4.86
N ASP B 297 -27.52 -4.10 4.57
CA ASP B 297 -27.62 -2.68 4.87
C ASP B 297 -27.39 -2.43 6.36
N ALA B 298 -26.94 -1.22 6.68
CA ALA B 298 -26.79 -0.76 8.04
C ALA B 298 -27.05 0.74 8.12
N ALA B 299 -27.99 1.16 8.98
CA ALA B 299 -28.27 2.60 9.11
C ALA B 299 -27.12 3.27 9.84
N PRO B 300 -26.80 4.51 9.47
CA PRO B 300 -25.76 5.29 10.17
C PRO B 300 -26.21 5.70 11.57
N THR B 301 -25.25 5.76 12.49
CA THR B 301 -25.42 6.51 13.72
C THR B 301 -25.10 7.97 13.45
N VAL B 302 -26.06 8.88 13.62
CA VAL B 302 -25.84 10.28 13.27
C VAL B 302 -25.67 11.13 14.53
N SER B 303 -24.59 11.92 14.55
CA SER B 303 -24.30 12.81 15.66
C SER B 303 -23.93 14.20 15.14
N ILE B 304 -24.54 15.26 15.72
CA ILE B 304 -24.18 16.62 15.38
C ILE B 304 -23.45 17.29 16.55
N PHE B 305 -22.46 18.14 16.24
CA PHE B 305 -21.69 18.81 17.26
C PHE B 305 -21.59 20.31 16.98
N PRO B 306 -22.03 21.17 17.93
CA PRO B 306 -21.85 22.61 17.81
C PRO B 306 -20.38 23.00 17.93
N PRO B 307 -20.01 24.24 17.53
CA PRO B 307 -18.62 24.70 17.67
C PRO B 307 -18.22 24.61 19.12
N SER B 308 -16.96 24.23 19.35
CA SER B 308 -16.39 24.30 20.68
C SER B 308 -16.23 25.76 21.09
N THR B 309 -16.33 26.03 22.40
CA THR B 309 -16.15 27.37 22.92
C THR B 309 -14.73 27.88 22.60
N GLU B 310 -13.76 26.95 22.61
CA GLU B 310 -12.35 27.18 22.29
CA GLU B 310 -12.35 27.22 22.31
C GLU B 310 -12.20 27.72 20.87
N GLN B 311 -12.98 27.15 19.93
CA GLN B 311 -12.84 27.57 18.55
C GLN B 311 -13.51 28.92 18.33
N LEU B 312 -14.69 29.11 18.93
CA LEU B 312 -15.39 30.37 18.79
C LEU B 312 -14.49 31.51 19.25
N ALA B 313 -13.72 31.25 20.30
CA ALA B 313 -12.81 32.24 20.86
C ALA B 313 -11.80 32.68 19.80
N THR B 314 -11.44 31.75 18.92
CA THR B 314 -10.47 31.96 17.86
C THR B 314 -11.13 32.65 16.67
N GLY B 315 -12.45 32.85 16.75
CA GLY B 315 -13.15 33.56 15.67
C GLY B 315 -13.71 32.64 14.60
N GLY B 316 -13.54 31.31 14.79
CA GLY B 316 -14.07 30.33 13.85
C GLY B 316 -15.23 29.54 14.46
N ALA B 317 -16.02 28.92 13.59
CA ALA B 317 -17.13 28.11 14.05
C ALA B 317 -17.35 26.94 13.08
N SER B 318 -16.90 25.75 13.51
CA SER B 318 -17.09 24.52 12.75
C SER B 318 -18.19 23.67 13.38
N VAL B 319 -19.27 23.49 12.63
CA VAL B 319 -20.27 22.50 13.00
C VAL B 319 -19.94 21.17 12.32
N VAL B 320 -20.01 20.08 13.08
CA VAL B 320 -19.59 18.78 12.59
C VAL B 320 -20.70 17.77 12.71
N CYS B 321 -20.84 16.96 11.66
CA CYS B 321 -21.82 15.88 11.66
C CYS B 321 -21.11 14.56 11.38
N LEU B 322 -21.29 13.56 12.24
CA LEU B 322 -20.66 12.25 12.04
C LEU B 322 -21.72 11.21 11.74
N MET B 323 -21.54 10.50 10.63
CA MET B 323 -22.41 9.37 10.29
C MET B 323 -21.54 8.13 10.35
N ASN B 324 -21.88 7.23 11.27
CA ASN B 324 -21.01 6.10 11.55
C ASN B 324 -21.62 4.73 11.25
N ASN B 325 -20.77 3.88 10.65
CA ASN B 325 -20.99 2.45 10.47
C ASN B 325 -22.23 2.19 9.65
N PHE B 326 -22.23 2.69 8.41
CA PHE B 326 -23.37 2.56 7.54
C PHE B 326 -22.96 1.70 6.35
N TYR B 327 -23.98 1.13 5.70
CA TYR B 327 -23.78 0.38 4.48
C TYR B 327 -25.11 0.39 3.76
N PRO B 328 -25.16 0.58 2.42
CA PRO B 328 -23.99 0.81 1.55
C PRO B 328 -23.32 2.19 1.72
N ARG B 329 -22.25 2.40 0.94
CA ARG B 329 -21.44 3.62 1.05
C ARG B 329 -22.17 4.86 0.53
N ASP B 330 -23.17 4.67 -0.36
CA ASP B 330 -23.85 5.75 -1.05
CA ASP B 330 -23.89 5.72 -1.06
C ASP B 330 -24.81 6.47 -0.10
N ILE B 331 -24.54 7.76 0.10
CA ILE B 331 -25.23 8.56 1.09
C ILE B 331 -25.17 10.04 0.71
N SER B 332 -26.12 10.82 1.23
CA SER B 332 -26.16 12.24 0.95
C SER B 332 -26.49 13.04 2.20
N VAL B 333 -25.75 14.13 2.41
CA VAL B 333 -25.89 14.95 3.59
C VAL B 333 -26.13 16.38 3.13
N LYS B 334 -27.16 17.01 3.70
CA LYS B 334 -27.38 18.43 3.48
C LYS B 334 -27.23 19.16 4.82
N TRP B 335 -26.57 20.32 4.80
CA TRP B 335 -26.64 21.24 5.92
C TRP B 335 -27.72 22.28 5.66
N LYS B 336 -28.61 22.48 6.64
CA LYS B 336 -29.57 23.57 6.60
C LYS B 336 -29.31 24.50 7.80
N ILE B 337 -29.38 25.79 7.52
CA ILE B 337 -29.26 26.80 8.56
C ILE B 337 -30.58 27.56 8.57
N ASP B 338 -31.30 27.42 9.68
CA ASP B 338 -32.60 28.06 9.85
C ASP B 338 -33.50 27.73 8.65
N GLY B 339 -33.43 26.49 8.17
CA GLY B 339 -34.35 25.99 7.17
C GLY B 339 -33.82 26.04 5.73
N THR B 340 -32.63 26.63 5.54
CA THR B 340 -32.15 26.92 4.19
C THR B 340 -30.79 26.24 3.99
N GLU B 341 -30.64 25.63 2.82
CA GLU B 341 -29.47 24.80 2.58
C GLU B 341 -28.24 25.66 2.39
N ARG B 342 -27.17 25.26 3.07
CA ARG B 342 -25.90 25.90 2.85
C ARG B 342 -24.98 24.88 2.22
N ARG B 343 -24.30 25.28 1.14
CA ARG B 343 -23.40 24.41 0.41
C ARG B 343 -21.95 24.88 0.47
N ASP B 344 -21.74 26.18 0.67
CA ASP B 344 -20.39 26.71 0.77
C ASP B 344 -19.85 26.44 2.16
N GLY B 345 -18.55 26.13 2.24
CA GLY B 345 -17.86 25.94 3.51
C GLY B 345 -18.02 24.52 4.04
N VAL B 346 -18.51 23.59 3.19
CA VAL B 346 -18.70 22.22 3.62
C VAL B 346 -17.54 21.31 3.19
N LEU B 347 -17.05 20.50 4.12
CA LEU B 347 -16.05 19.48 3.76
C LEU B 347 -16.55 18.10 4.15
N ASP B 348 -16.52 17.15 3.20
CA ASP B 348 -16.90 15.78 3.43
C ASP B 348 -15.69 14.86 3.38
N SER B 349 -15.73 13.81 4.19
CA SER B 349 -14.69 12.81 4.23
C SER B 349 -15.33 11.47 4.57
N VAL B 350 -14.88 10.41 3.87
CA VAL B 350 -15.39 9.07 4.08
C VAL B 350 -14.22 8.12 4.40
N THR B 351 -14.39 7.26 5.42
CA THR B 351 -13.40 6.24 5.72
C THR B 351 -13.41 5.17 4.64
N ASP B 352 -12.30 4.41 4.60
CA ASP B 352 -12.25 3.23 3.76
C ASP B 352 -13.12 2.17 4.41
N GLN B 353 -13.55 1.17 3.63
CA GLN B 353 -14.39 0.11 4.18
C GLN B 353 -13.72 -0.55 5.40
N ASP B 354 -14.50 -0.71 6.46
CA ASP B 354 -14.00 -1.26 7.70
C ASP B 354 -13.63 -2.72 7.50
N SER B 355 -12.48 -3.11 8.04
CA SER B 355 -11.92 -4.44 7.81
C SER B 355 -12.54 -5.50 8.71
N LYS B 356 -13.42 -5.07 9.64
CA LYS B 356 -14.04 -5.99 10.59
C LYS B 356 -15.57 -6.08 10.44
N ASP B 357 -16.21 -5.02 9.95
CA ASP B 357 -17.66 -4.92 9.87
C ASP B 357 -18.12 -4.54 8.46
N SER B 358 -17.17 -4.22 7.57
CA SER B 358 -17.46 -3.87 6.18
C SER B 358 -18.38 -2.65 6.04
N THR B 359 -18.47 -1.80 7.07
CA THR B 359 -19.25 -0.57 6.97
C THR B 359 -18.35 0.61 6.59
N TYR B 360 -18.99 1.75 6.31
CA TYR B 360 -18.35 3.02 6.04
C TYR B 360 -18.78 4.03 7.12
N SER B 361 -17.93 5.03 7.32
CA SER B 361 -18.28 6.15 8.17
C SER B 361 -17.98 7.45 7.42
N MET B 362 -18.69 8.52 7.81
CA MET B 362 -18.54 9.78 7.12
C MET B 362 -18.56 10.95 8.09
N SER B 363 -17.76 11.96 7.74
CA SER B 363 -17.65 13.19 8.49
C SER B 363 -17.98 14.38 7.58
N SER B 364 -18.93 15.22 8.01
CA SER B 364 -19.26 16.43 7.30
C SER B 364 -19.06 17.64 8.21
N THR B 365 -18.24 18.61 7.79
CA THR B 365 -17.92 19.77 8.62
C THR B 365 -18.41 21.00 7.89
N LEU B 366 -19.19 21.85 8.55
CA LEU B 366 -19.58 23.12 7.95
C LEU B 366 -18.85 24.24 8.67
N SER B 367 -17.91 24.90 7.96
CA SER B 367 -17.09 25.96 8.55
C SER B 367 -17.67 27.34 8.26
N LEU B 368 -17.96 28.09 9.34
CA LEU B 368 -18.47 29.44 9.31
C LEU B 368 -17.53 30.31 10.12
N THR B 369 -17.59 31.62 9.90
CA THR B 369 -16.99 32.55 10.85
C THR B 369 -17.91 32.64 12.07
N LYS B 370 -17.32 32.95 13.23
CA LYS B 370 -18.08 33.13 14.46
C LYS B 370 -19.22 34.13 14.22
N ALA B 371 -18.92 35.18 13.47
CA ALA B 371 -19.91 36.22 13.22
C ALA B 371 -21.12 35.64 12.50
N ASP B 372 -20.85 34.86 11.45
CA ASP B 372 -21.89 34.24 10.65
C ASP B 372 -22.69 33.26 11.51
N TYR B 373 -21.96 32.47 12.30
CA TYR B 373 -22.56 31.41 13.09
C TYR B 373 -23.53 32.00 14.10
N GLU B 374 -23.12 33.14 14.68
CA GLU B 374 -23.91 33.75 15.74
C GLU B 374 -25.06 34.58 15.20
N SER B 375 -25.18 34.66 13.87
CA SER B 375 -26.30 35.37 13.28
C SER B 375 -27.49 34.44 13.03
N HIS B 376 -27.33 33.12 13.23
CA HIS B 376 -28.44 32.19 12.96
C HIS B 376 -28.72 31.31 14.18
N ASN B 377 -29.85 30.58 14.13
CA ASN B 377 -30.30 29.83 15.30
C ASN B 377 -30.25 28.31 15.10
N LEU B 378 -30.98 27.82 14.09
CA LEU B 378 -31.17 26.39 13.92
C LEU B 378 -30.12 25.85 12.93
N TYR B 379 -29.32 24.88 13.38
CA TYR B 379 -28.39 24.17 12.51
C TYR B 379 -28.83 22.72 12.39
N THR B 380 -29.03 22.26 11.15
CA THR B 380 -29.48 20.92 10.89
C THR B 380 -28.49 20.21 9.96
N CYS B 381 -28.16 18.98 10.32
CA CYS B 381 -27.55 18.05 9.39
C CYS B 381 -28.62 17.06 8.94
N GLU B 382 -28.98 17.08 7.65
CA GLU B 382 -29.99 16.17 7.11
C GLU B 382 -29.32 15.13 6.21
N VAL B 383 -29.51 13.85 6.57
CA VAL B 383 -28.83 12.73 5.93
C VAL B 383 -29.86 11.84 5.22
N VAL B 384 -29.65 11.61 3.92
CA VAL B 384 -30.42 10.64 3.15
C VAL B 384 -29.60 9.36 2.99
N HIS B 385 -30.20 8.23 3.40
CA HIS B 385 -29.61 6.90 3.21
C HIS B 385 -30.76 5.91 2.95
N LYS B 386 -30.50 4.79 2.29
CA LYS B 386 -31.62 3.95 1.87
C LYS B 386 -32.27 3.28 3.06
N THR B 387 -31.62 3.32 4.23
CA THR B 387 -32.11 2.61 5.40
C THR B 387 -33.33 3.29 5.99
N SER B 388 -33.65 4.51 5.51
CA SER B 388 -34.80 5.25 6.00
C SER B 388 -35.61 5.82 4.83
N SER B 389 -36.93 5.75 4.97
CA SER B 389 -37.83 6.27 3.94
C SER B 389 -37.89 7.79 4.01
N SER B 390 -37.62 8.36 5.18
CA SER B 390 -37.53 9.81 5.29
C SER B 390 -36.11 10.21 5.68
N PRO B 391 -35.61 11.42 5.34
CA PRO B 391 -34.26 11.83 5.75
C PRO B 391 -34.08 11.83 7.26
N VAL B 392 -32.92 11.35 7.72
CA VAL B 392 -32.56 11.40 9.12
C VAL B 392 -32.05 12.80 9.43
N VAL B 393 -32.56 13.38 10.52
CA VAL B 393 -32.27 14.77 10.83
C VAL B 393 -31.67 14.86 12.23
N LYS B 394 -30.60 15.65 12.34
CA LYS B 394 -30.00 15.99 13.63
C LYS B 394 -29.76 17.48 13.63
N SER B 395 -30.22 18.14 14.70
CA SER B 395 -30.26 19.60 14.76
C SER B 395 -29.85 20.05 16.16
N PHE B 396 -29.51 21.33 16.24
CA PHE B 396 -29.41 22.04 17.52
C PHE B 396 -29.76 23.51 17.30
N ASN B 397 -30.28 24.13 18.36
CA ASN B 397 -30.50 25.57 18.39
C ASN B 397 -29.31 26.22 19.08
N ARG B 398 -28.71 27.21 18.42
CA ARG B 398 -27.58 27.95 18.97
C ARG B 398 -28.03 28.68 20.22
N ASN B 399 -29.28 29.22 20.19
CA ASN B 399 -29.78 30.12 21.22
C ASN B 399 -29.85 29.42 22.58
N GLU B 400 -30.04 28.09 22.61
CA GLU B 400 -29.92 27.32 23.83
C GLU B 400 -28.46 26.90 24.05
N CYS B 401 -28.01 25.91 23.28
CA CYS B 401 -26.81 25.15 23.60
C CYS B 401 -27.04 24.38 24.91
#